data_1C7Z
#
_entry.id   1C7Z
#
_cell.length_a   47.7
_cell.length_b   55.3
_cell.length_c   90.6
_cell.angle_alpha   90
_cell.angle_beta   93.6
_cell.angle_gamma   90
#
_symmetry.space_group_name_H-M   'P 1 21 1'
#
loop_
_entity.id
_entity.type
_entity.pdbx_description
1 polymer FRUCTOSE-2,6-BISPHOSPHATASE
2 non-polymer 'PHOSPHATE ION'
3 non-polymer GLYCERALDEHYDE-3-PHOSPHATE
4 water water
#
_entity_poly.entity_id   1
_entity_poly.type   'polypeptide(L)'
_entity_poly.pdbx_seq_one_letter_code
;MRSIYLCRHGESELNLRGRIGGDSGLSARGKQYAYALANFIRSQGISSLKVWTSHMKRTIQTAEALGVPYEQWKALNEID
AGVCEEMTYEEIQEHYPEEFALRDQDKYRYRYPKGESYEDLVQRLEPVIMELERQENVLVICHQAVMRCLLAYFLDKSSD
ELPYLKCPLHTVLKLTPVAYGCRVESIYLNV
;
_entity_poly.pdbx_strand_id   A,B
#
loop_
_chem_comp.id
_chem_comp.type
_chem_comp.name
_chem_comp.formula
G3H non-polymer GLYCERALDEHYDE-3-PHOSPHATE 'C3 H7 O6 P'
PO4 non-polymer 'PHOSPHATE ION' 'O4 P -3'
#
# COMPACT_ATOMS: atom_id res chain seq x y z
N MET A 1 34.46 15.88 6.76
CA MET A 1 33.26 15.90 7.63
C MET A 1 32.66 14.51 7.54
N ARG A 2 32.16 14.00 8.67
CA ARG A 2 31.56 12.68 8.74
C ARG A 2 30.20 12.61 8.03
N SER A 3 29.89 11.44 7.49
CA SER A 3 28.63 11.22 6.79
C SER A 3 28.00 9.87 7.16
N ILE A 4 26.68 9.86 7.22
CA ILE A 4 25.91 8.65 7.53
C ILE A 4 25.19 8.27 6.25
N TYR A 5 25.43 7.06 5.78
CA TYR A 5 24.83 6.58 4.56
C TYR A 5 23.69 5.63 4.90
N LEU A 6 22.46 6.12 4.77
CA LEU A 6 21.29 5.29 5.06
C LEU A 6 20.69 4.73 3.79
N CYS A 7 20.46 3.43 3.77
CA CYS A 7 19.87 2.80 2.61
C CYS A 7 19.21 1.49 3.03
N ARG A 8 18.31 1.02 2.20
CA ARG A 8 17.61 -0.21 2.46
C ARG A 8 18.39 -1.32 1.79
N HIS A 9 18.00 -2.54 2.11
CA HIS A 9 18.56 -3.76 1.55
C HIS A 9 18.13 -3.77 0.08
N GLY A 10 18.68 -4.70 -0.70
CA GLY A 10 18.29 -4.79 -2.09
C GLY A 10 16.89 -5.37 -2.16
N GLU A 11 16.18 -5.10 -3.26
CA GLU A 11 14.82 -5.59 -3.45
C GLU A 11 14.74 -7.07 -3.08
N SER A 12 13.86 -7.41 -2.14
CA SER A 12 13.69 -8.79 -1.71
C SER A 12 12.57 -9.50 -2.44
N GLU A 13 12.52 -10.83 -2.30
CA GLU A 13 11.48 -11.64 -2.94
C GLU A 13 10.09 -11.13 -2.56
N LEU A 14 9.84 -10.95 -1.26
CA LEU A 14 8.54 -10.45 -0.82
C LEU A 14 8.29 -9.03 -1.32
N ASN A 15 9.35 -8.24 -1.48
CA ASN A 15 9.21 -6.88 -2.00
C ASN A 15 8.66 -7.01 -3.40
N LEU A 16 9.20 -7.99 -4.13
CA LEU A 16 8.80 -8.27 -5.50
C LEU A 16 7.34 -8.75 -5.58
N ARG A 17 6.86 -9.34 -4.49
CA ARG A 17 5.50 -9.86 -4.39
C ARG A 17 4.54 -8.92 -3.66
N GLY A 18 5.03 -7.76 -3.25
CA GLY A 18 4.21 -6.80 -2.55
C GLY A 18 3.71 -7.23 -1.18
N ARG A 19 4.43 -8.14 -0.55
CA ARG A 19 4.06 -8.62 0.78
C ARG A 19 5.00 -7.96 1.77
N ILE A 20 4.51 -7.69 2.98
CA ILE A 20 5.31 -7.02 4.00
C ILE A 20 6.04 -7.95 4.98
N GLY A 21 7.02 -7.40 5.67
CA GLY A 21 7.79 -8.15 6.65
C GLY A 21 8.44 -9.42 6.16
N GLY A 22 8.51 -10.42 7.03
CA GLY A 22 9.11 -11.68 6.68
C GLY A 22 10.63 -11.60 6.68
N ASP A 23 11.26 -12.62 6.11
CA ASP A 23 12.72 -12.66 6.04
C ASP A 23 13.16 -13.37 4.76
N SER A 24 12.80 -12.76 3.64
CA SER A 24 13.16 -13.33 2.34
C SER A 24 14.49 -12.78 1.89
N GLY A 25 15.08 -13.44 0.90
CA GLY A 25 16.37 -13.01 0.38
C GLY A 25 16.18 -12.04 -0.77
N LEU A 26 17.29 -11.50 -1.26
CA LEU A 26 17.27 -10.56 -2.36
C LEU A 26 16.83 -11.26 -3.64
N SER A 27 16.23 -10.50 -4.53
CA SER A 27 15.76 -10.98 -5.81
C SER A 27 16.95 -10.89 -6.76
N ALA A 28 16.72 -11.12 -8.05
CA ALA A 28 17.79 -11.05 -9.02
C ALA A 28 18.36 -9.63 -8.99
N ARG A 29 17.58 -8.65 -9.41
CA ARG A 29 18.07 -7.28 -9.43
C ARG A 29 18.33 -6.72 -8.03
N GLY A 30 17.96 -7.49 -7.02
CA GLY A 30 18.22 -7.05 -5.66
C GLY A 30 19.72 -7.11 -5.47
N LYS A 31 20.31 -8.17 -6.02
CA LYS A 31 21.74 -8.42 -5.96
C LYS A 31 22.49 -7.38 -6.81
N GLN A 32 21.90 -7.01 -7.94
CA GLN A 32 22.50 -6.01 -8.80
C GLN A 32 22.68 -4.71 -8.03
N TYR A 33 21.75 -4.42 -7.13
CA TYR A 33 21.85 -3.21 -6.31
C TYR A 33 23.02 -3.37 -5.33
N ALA A 34 23.12 -4.55 -4.73
CA ALA A 34 24.19 -4.83 -3.77
C ALA A 34 25.52 -4.52 -4.44
N TYR A 35 25.66 -4.98 -5.68
CA TYR A 35 26.86 -4.75 -6.48
C TYR A 35 27.02 -3.27 -6.81
N ALA A 36 25.93 -2.64 -7.21
CA ALA A 36 25.94 -1.23 -7.54
C ALA A 36 26.29 -0.40 -6.31
N LEU A 37 25.93 -0.91 -5.15
CA LEU A 37 26.21 -0.23 -3.88
C LEU A 37 27.70 -0.36 -3.62
N ALA A 38 28.23 -1.56 -3.83
CA ALA A 38 29.65 -1.83 -3.63
C ALA A 38 30.47 -0.85 -4.46
N ASN A 39 30.04 -0.60 -5.69
CA ASN A 39 30.73 0.33 -6.58
C ASN A 39 30.65 1.75 -6.04
N PHE A 40 29.43 2.21 -5.75
CA PHE A 40 29.21 3.55 -5.22
C PHE A 40 30.04 3.81 -3.95
N ILE A 41 30.08 2.82 -3.06
CA ILE A 41 30.83 2.96 -1.83
C ILE A 41 32.33 3.12 -2.09
N ARG A 42 32.87 2.28 -2.98
CA ARG A 42 34.29 2.38 -3.32
C ARG A 42 34.60 3.74 -3.90
N SER A 43 33.77 4.18 -4.84
CA SER A 43 33.95 5.46 -5.49
C SER A 43 33.88 6.65 -4.53
N GLN A 44 33.25 6.47 -3.38
CA GLN A 44 33.15 7.56 -2.41
C GLN A 44 34.47 7.78 -1.66
N GLY A 45 35.37 6.80 -1.74
CA GLY A 45 36.66 6.90 -1.07
C GLY A 45 36.52 7.29 0.39
N ILE A 46 35.63 6.58 1.08
CA ILE A 46 35.35 6.84 2.48
C ILE A 46 36.44 6.28 3.38
N SER A 47 36.82 7.07 4.39
CA SER A 47 37.85 6.71 5.36
C SER A 47 37.29 5.89 6.53
N SER A 48 37.72 4.65 6.64
CA SER A 48 37.29 3.73 7.70
C SER A 48 35.77 3.73 7.87
N LEU A 49 35.07 3.33 6.80
CA LEU A 49 33.61 3.26 6.81
C LEU A 49 33.20 2.03 7.62
N LYS A 50 32.27 2.23 8.57
CA LYS A 50 31.74 1.14 9.39
C LYS A 50 30.42 0.74 8.73
N VAL A 51 30.18 -0.56 8.62
CA VAL A 51 28.95 -1.04 7.97
C VAL A 51 28.05 -1.82 8.93
N TRP A 52 26.81 -1.35 9.06
CA TRP A 52 25.83 -1.99 9.93
C TRP A 52 24.69 -2.59 9.10
N THR A 53 24.20 -3.73 9.56
CA THR A 53 23.10 -4.44 8.91
C THR A 53 22.22 -4.99 10.02
N SER A 54 21.07 -5.55 9.69
CA SER A 54 20.19 -6.11 10.70
C SER A 54 20.41 -7.62 10.69
N HIS A 55 19.66 -8.35 11.51
CA HIS A 55 19.77 -9.79 11.57
C HIS A 55 18.98 -10.49 10.46
N MET A 56 18.47 -9.71 9.52
CA MET A 56 17.67 -10.24 8.41
C MET A 56 18.52 -10.54 7.18
N LYS A 57 18.23 -11.67 6.54
CA LYS A 57 18.95 -12.10 5.35
C LYS A 57 19.08 -11.02 4.30
N ARG A 58 18.01 -10.29 4.04
CA ARG A 58 18.04 -9.24 3.03
C ARG A 58 19.08 -8.13 3.25
N THR A 59 19.35 -7.76 4.50
CA THR A 59 20.34 -6.73 4.78
C THR A 59 21.76 -7.33 4.72
N ILE A 60 21.92 -8.51 5.29
CA ILE A 60 23.19 -9.23 5.31
C ILE A 60 23.67 -9.46 3.89
N GLN A 61 22.85 -10.09 3.07
CA GLN A 61 23.20 -10.39 1.68
C GLN A 61 23.64 -9.16 0.89
N THR A 62 23.03 -8.00 1.18
CA THR A 62 23.39 -6.77 0.48
C THR A 62 24.81 -6.37 0.87
N ALA A 63 25.13 -6.51 2.16
CA ALA A 63 26.45 -6.16 2.69
C ALA A 63 27.55 -7.10 2.21
N GLU A 64 27.16 -8.34 1.89
CA GLU A 64 28.11 -9.35 1.41
C GLU A 64 28.83 -8.84 0.17
N ALA A 65 28.06 -8.26 -0.74
CA ALA A 65 28.60 -7.73 -1.98
C ALA A 65 29.63 -6.63 -1.77
N LEU A 66 29.64 -6.03 -0.58
CA LEU A 66 30.58 -4.96 -0.31
C LEU A 66 32.02 -5.44 -0.18
N GLY A 67 32.20 -6.70 0.20
CA GLY A 67 33.53 -7.25 0.36
C GLY A 67 34.08 -6.93 1.75
N VAL A 68 33.99 -5.66 2.15
CA VAL A 68 34.47 -5.22 3.46
C VAL A 68 33.57 -5.81 4.56
N PRO A 69 34.10 -5.95 5.79
CA PRO A 69 33.36 -6.50 6.92
C PRO A 69 32.19 -5.62 7.38
N TYR A 70 31.16 -6.26 7.91
CA TYR A 70 29.96 -5.56 8.38
C TYR A 70 29.60 -6.06 9.78
N GLU A 71 28.71 -5.34 10.46
CA GLU A 71 28.28 -5.72 11.81
C GLU A 71 26.75 -5.75 11.85
N GLN A 72 26.20 -6.85 12.38
CA GLN A 72 24.74 -7.05 12.49
C GLN A 72 24.12 -6.57 13.81
N TRP A 73 23.06 -5.78 13.70
CA TRP A 73 22.33 -5.27 14.87
C TRP A 73 20.89 -5.78 14.85
N LYS A 74 20.48 -6.46 15.92
CA LYS A 74 19.11 -6.95 16.02
C LYS A 74 18.17 -5.76 16.09
N ALA A 75 18.65 -4.68 16.70
CA ALA A 75 17.88 -3.45 16.86
C ALA A 75 17.55 -2.74 15.55
N LEU A 76 18.14 -3.20 14.44
CA LEU A 76 17.88 -2.61 13.14
C LEU A 76 16.88 -3.41 12.30
N ASN A 77 16.36 -4.50 12.87
CA ASN A 77 15.39 -5.34 12.17
C ASN A 77 14.12 -4.53 11.84
N GLU A 78 13.48 -4.84 10.71
CA GLU A 78 12.27 -4.13 10.27
C GLU A 78 11.15 -4.23 11.30
N ILE A 79 10.19 -3.32 11.21
CA ILE A 79 9.05 -3.30 12.10
C ILE A 79 8.26 -4.61 12.00
N ASP A 80 7.85 -5.14 13.15
CA ASP A 80 7.09 -6.38 13.21
C ASP A 80 5.63 -6.10 12.84
N ALA A 81 5.16 -6.73 11.77
CA ALA A 81 3.78 -6.54 11.34
C ALA A 81 2.86 -7.40 12.18
N GLY A 82 3.44 -8.18 13.09
CA GLY A 82 2.63 -9.04 13.94
C GLY A 82 1.94 -10.11 13.14
N VAL A 83 0.66 -10.30 13.40
CA VAL A 83 -0.10 -11.33 12.71
C VAL A 83 -0.27 -11.01 11.22
N CYS A 84 0.02 -9.77 10.82
CA CYS A 84 -0.13 -9.37 9.43
C CYS A 84 1.17 -9.58 8.64
N GLU A 85 2.13 -10.27 9.24
CA GLU A 85 3.41 -10.54 8.60
C GLU A 85 3.25 -11.33 7.32
N GLU A 86 3.95 -10.89 6.27
CA GLU A 86 3.94 -11.54 4.96
C GLU A 86 2.65 -11.47 4.15
N MET A 87 1.71 -10.65 4.60
CA MET A 87 0.45 -10.52 3.87
C MET A 87 0.59 -9.36 2.90
N THR A 88 -0.32 -9.27 1.93
CA THR A 88 -0.31 -8.17 0.97
C THR A 88 -1.27 -7.17 1.60
N TYR A 89 -1.28 -5.95 1.10
CA TYR A 89 -2.18 -4.95 1.66
C TYR A 89 -3.65 -5.32 1.49
N GLU A 90 -3.97 -5.99 0.39
CA GLU A 90 -5.34 -6.42 0.14
C GLU A 90 -5.74 -7.45 1.21
N GLU A 91 -4.88 -8.45 1.41
CA GLU A 91 -5.13 -9.49 2.40
C GLU A 91 -5.39 -8.87 3.78
N ILE A 92 -4.69 -7.78 4.06
CA ILE A 92 -4.82 -7.08 5.34
C ILE A 92 -6.18 -6.39 5.41
N GLN A 93 -6.56 -5.73 4.31
CA GLN A 93 -7.84 -5.04 4.23
C GLN A 93 -9.03 -6.01 4.36
N GLU A 94 -8.89 -7.19 3.76
CA GLU A 94 -9.94 -8.20 3.78
C GLU A 94 -10.06 -8.97 5.09
N HIS A 95 -8.93 -9.42 5.63
CA HIS A 95 -8.96 -10.22 6.84
C HIS A 95 -8.84 -9.46 8.15
N TYR A 96 -8.40 -8.22 8.09
CA TYR A 96 -8.26 -7.37 9.28
C TYR A 96 -8.71 -5.97 8.83
N PRO A 97 -9.97 -5.86 8.39
CA PRO A 97 -10.50 -4.57 7.93
C PRO A 97 -10.54 -3.44 8.96
N GLU A 98 -11.01 -3.74 10.17
CA GLU A 98 -11.08 -2.70 11.20
C GLU A 98 -9.69 -2.23 11.60
N GLU A 99 -8.77 -3.17 11.73
CA GLU A 99 -7.38 -2.90 12.11
C GLU A 99 -6.74 -1.98 11.09
N PHE A 100 -6.91 -2.31 9.81
CA PHE A 100 -6.33 -1.51 8.74
C PHE A 100 -6.83 -0.06 8.79
N ALA A 101 -8.10 0.12 9.12
CA ALA A 101 -8.68 1.46 9.21
C ALA A 101 -8.11 2.20 10.43
N LEU A 102 -7.98 1.48 11.55
CA LEU A 102 -7.45 2.06 12.78
C LEU A 102 -6.01 2.56 12.63
N ARG A 103 -5.32 2.03 11.63
CA ARG A 103 -3.93 2.41 11.39
C ARG A 103 -3.77 3.87 11.04
N ASP A 104 -4.30 4.26 9.88
CA ASP A 104 -4.19 5.64 9.42
C ASP A 104 -4.65 6.69 10.43
N GLN A 105 -5.43 6.25 11.42
CA GLN A 105 -5.92 7.16 12.47
C GLN A 105 -4.71 7.80 13.15
N ASP A 106 -3.80 6.94 13.61
CA ASP A 106 -2.57 7.34 14.28
C ASP A 106 -1.53 6.31 13.85
N LYS A 107 -0.90 6.56 12.72
CA LYS A 107 0.10 5.64 12.18
C LYS A 107 1.38 5.54 13.01
N TYR A 108 1.65 6.55 13.84
CA TYR A 108 2.84 6.54 14.66
C TYR A 108 2.71 5.55 15.82
N ARG A 109 1.57 5.56 16.50
CA ARG A 109 1.37 4.67 17.63
C ARG A 109 0.59 3.37 17.34
N TYR A 110 -0.02 3.24 16.17
CA TYR A 110 -0.80 2.03 15.86
C TYR A 110 -0.01 0.75 15.61
N ARG A 111 -0.45 -0.32 16.30
CA ARG A 111 0.17 -1.63 16.20
C ARG A 111 -0.84 -2.63 15.63
N TYR A 112 -0.38 -3.53 14.77
CA TYR A 112 -1.22 -4.57 14.21
C TYR A 112 -1.35 -5.61 15.33
N PRO A 113 -2.31 -6.54 15.23
CA PRO A 113 -2.43 -7.53 16.29
C PRO A 113 -1.11 -8.27 16.53
N LYS A 114 -0.58 -8.15 17.75
CA LYS A 114 0.69 -8.78 18.13
C LYS A 114 1.87 -8.22 17.32
N GLY A 115 1.75 -6.97 16.89
CA GLY A 115 2.80 -6.34 16.11
C GLY A 115 3.39 -5.10 16.76
N GLU A 116 4.36 -4.49 16.09
CA GLU A 116 5.03 -3.29 16.59
C GLU A 116 4.40 -2.04 15.98
N SER A 117 4.79 -0.89 16.53
CA SER A 117 4.33 0.41 16.06
C SER A 117 5.59 1.24 15.76
N TYR A 118 5.40 2.43 15.19
CA TYR A 118 6.56 3.28 14.90
C TYR A 118 7.22 3.75 16.19
N GLU A 119 6.45 3.86 17.26
CA GLU A 119 6.96 4.29 18.55
C GLU A 119 7.86 3.21 19.17
N ASP A 120 7.43 1.96 19.05
CA ASP A 120 8.21 0.82 19.59
C ASP A 120 9.53 0.80 18.84
N LEU A 121 9.45 1.03 17.53
CA LEU A 121 10.62 1.03 16.67
C LEU A 121 11.60 2.12 17.11
N VAL A 122 11.09 3.32 17.34
CA VAL A 122 11.93 4.44 17.77
C VAL A 122 12.68 4.03 19.04
N GLN A 123 11.96 3.42 19.96
CA GLN A 123 12.52 2.97 21.22
C GLN A 123 13.73 2.05 21.04
N ARG A 124 13.56 0.94 20.33
CA ARG A 124 14.69 0.02 20.15
C ARG A 124 15.83 0.54 19.26
N LEU A 125 15.65 1.73 18.70
CA LEU A 125 16.67 2.34 17.86
C LEU A 125 17.47 3.39 18.63
N GLU A 126 17.02 3.74 19.83
CA GLU A 126 17.74 4.73 20.63
C GLU A 126 19.22 4.37 20.73
N PRO A 127 19.53 3.15 21.20
CA PRO A 127 20.95 2.78 21.30
C PRO A 127 21.68 2.88 19.96
N VAL A 128 21.01 2.47 18.89
CA VAL A 128 21.58 2.53 17.54
C VAL A 128 21.98 3.96 17.19
N ILE A 129 21.11 4.91 17.52
CA ILE A 129 21.36 6.32 17.24
C ILE A 129 22.49 6.88 18.11
N MET A 130 22.59 6.43 19.36
CA MET A 130 23.65 6.88 20.25
C MET A 130 25.00 6.48 19.67
N GLU A 131 25.10 5.22 19.24
CA GLU A 131 26.34 4.70 18.67
C GLU A 131 26.59 5.43 17.36
N LEU A 132 25.56 5.59 16.56
CA LEU A 132 25.65 6.26 15.27
C LEU A 132 26.17 7.70 15.45
N GLU A 133 25.81 8.32 16.57
CA GLU A 133 26.22 9.68 16.89
C GLU A 133 27.70 9.75 17.29
N ARG A 134 28.15 8.77 18.06
CA ARG A 134 29.54 8.73 18.51
C ARG A 134 30.45 7.99 17.51
N GLN A 135 30.18 8.17 16.22
CA GLN A 135 30.96 7.54 15.16
C GLN A 135 31.30 8.57 14.09
N GLU A 136 32.03 8.13 13.08
CA GLU A 136 32.42 9.02 11.99
C GLU A 136 31.68 8.69 10.69
N ASN A 137 32.20 7.76 9.90
CA ASN A 137 31.55 7.39 8.65
C ASN A 137 30.89 6.04 8.79
N VAL A 138 29.56 6.01 8.71
CA VAL A 138 28.85 4.75 8.84
C VAL A 138 27.86 4.56 7.68
N LEU A 139 27.69 3.31 7.28
CA LEU A 139 26.76 2.95 6.22
C LEU A 139 25.76 1.97 6.84
N VAL A 140 24.51 2.40 6.98
CA VAL A 140 23.46 1.55 7.55
C VAL A 140 22.54 0.99 6.45
N ILE A 141 22.65 -0.31 6.20
CA ILE A 141 21.83 -0.99 5.21
C ILE A 141 20.70 -1.65 6.00
N CYS A 142 19.55 -0.96 6.09
CA CYS A 142 18.45 -1.51 6.86
C CYS A 142 17.11 -1.78 6.18
N HIS A 143 16.06 -1.22 6.75
CA HIS A 143 14.71 -1.44 6.25
C HIS A 143 13.97 -0.12 6.12
N GLN A 144 12.75 -0.19 5.58
CA GLN A 144 11.94 1.02 5.35
C GLN A 144 11.44 1.75 6.59
N ALA A 145 10.80 1.02 7.51
CA ALA A 145 10.29 1.67 8.71
C ALA A 145 11.45 2.11 9.60
N VAL A 146 12.48 1.27 9.64
CA VAL A 146 13.68 1.56 10.42
C VAL A 146 14.36 2.81 9.89
N MET A 147 14.58 2.82 8.58
CA MET A 147 15.23 3.93 7.89
C MET A 147 14.49 5.23 8.14
N ARG A 148 13.17 5.17 8.20
CA ARG A 148 12.34 6.35 8.43
C ARG A 148 12.61 6.96 9.78
N CYS A 149 12.79 6.13 10.79
CA CYS A 149 13.04 6.59 12.14
C CYS A 149 14.42 7.24 12.30
N LEU A 150 15.43 6.66 11.67
CA LEU A 150 16.79 7.20 11.73
C LEU A 150 16.79 8.51 10.97
N LEU A 151 16.17 8.49 9.79
CA LEU A 151 16.05 9.64 8.93
C LEU A 151 15.27 10.74 9.65
N ALA A 152 14.25 10.32 10.41
CA ALA A 152 13.42 11.24 11.17
C ALA A 152 14.23 11.99 12.22
N TYR A 153 15.17 11.28 12.84
CA TYR A 153 16.00 11.89 13.87
C TYR A 153 16.94 12.95 13.30
N PHE A 154 17.70 12.58 12.28
CA PHE A 154 18.66 13.50 11.66
C PHE A 154 18.08 14.70 10.94
N LEU A 155 16.88 14.55 10.39
CA LEU A 155 16.23 15.65 9.69
C LEU A 155 15.26 16.43 10.58
N ASP A 156 15.31 16.14 11.89
CA ASP A 156 14.47 16.77 12.89
C ASP A 156 12.98 16.75 12.52
N LYS A 157 12.46 15.54 12.30
CA LYS A 157 11.07 15.32 11.92
C LYS A 157 10.17 15.01 13.10
N SER A 158 8.91 15.40 12.99
CA SER A 158 7.92 15.16 14.04
C SER A 158 7.36 13.74 13.91
N SER A 159 6.87 13.23 15.03
CA SER A 159 6.30 11.89 15.05
C SER A 159 5.17 11.71 14.03
N ASP A 160 4.52 12.82 13.66
CA ASP A 160 3.44 12.77 12.68
C ASP A 160 4.01 12.62 11.27
N GLU A 161 5.13 13.29 11.00
CA GLU A 161 5.78 13.25 9.70
C GLU A 161 6.49 11.91 9.47
N LEU A 162 7.15 11.42 10.52
CA LEU A 162 7.92 10.18 10.48
C LEU A 162 7.40 9.00 9.65
N PRO A 163 6.25 8.42 9.98
CA PRO A 163 5.74 7.29 9.21
C PRO A 163 5.54 7.51 7.71
N TYR A 164 5.58 8.77 7.26
CA TYR A 164 5.37 9.07 5.85
C TYR A 164 6.63 9.56 5.12
N LEU A 165 7.79 9.33 5.70
CA LEU A 165 9.04 9.76 5.09
C LEU A 165 9.36 8.93 3.84
N LYS A 166 9.96 9.61 2.87
CA LYS A 166 10.33 9.00 1.61
C LYS A 166 11.54 8.07 1.81
N CYS A 167 11.31 6.76 1.79
CA CYS A 167 12.40 5.78 1.95
C CYS A 167 12.31 4.68 0.91
N PRO A 168 12.49 5.03 -0.38
CA PRO A 168 12.42 4.08 -1.49
C PRO A 168 13.55 3.06 -1.48
N LEU A 169 13.42 2.06 -2.34
CA LEU A 169 14.42 1.02 -2.46
C LEU A 169 15.52 1.55 -3.36
N HIS A 170 16.64 0.85 -3.38
CA HIS A 170 17.75 1.21 -4.24
C HIS A 170 18.12 2.68 -4.25
N THR A 171 18.12 3.31 -3.08
CA THR A 171 18.46 4.71 -2.98
C THR A 171 19.27 4.99 -1.73
N VAL A 172 20.47 5.53 -1.92
CA VAL A 172 21.35 5.85 -0.79
C VAL A 172 21.06 7.27 -0.34
N LEU A 173 20.92 7.45 0.97
CA LEU A 173 20.67 8.76 1.56
C LEU A 173 21.85 9.14 2.40
N LYS A 174 22.69 10.01 1.84
CA LYS A 174 23.90 10.47 2.52
C LYS A 174 23.56 11.67 3.40
N LEU A 175 23.59 11.45 4.70
CA LEU A 175 23.28 12.48 5.67
C LEU A 175 24.56 13.06 6.25
N THR A 176 24.75 14.35 6.07
CA THR A 176 25.93 15.02 6.59
C THR A 176 25.50 15.99 7.68
N PRO A 177 25.55 15.54 8.94
CA PRO A 177 25.18 16.34 10.11
C PRO A 177 26.07 17.57 10.21
N VAL A 178 25.48 18.75 10.15
CA VAL A 178 26.24 20.00 10.23
C VAL A 178 25.67 20.89 11.32
N ALA A 179 26.13 22.14 11.39
CA ALA A 179 25.68 23.06 12.42
C ALA A 179 24.18 23.42 12.36
N TYR A 180 23.75 23.91 11.21
CA TYR A 180 22.36 24.33 11.02
C TYR A 180 21.36 23.17 10.98
N GLY A 181 21.85 21.94 11.03
CA GLY A 181 20.96 20.80 10.99
C GLY A 181 21.61 19.60 10.33
N CYS A 182 21.19 19.26 9.12
CA CYS A 182 21.75 18.11 8.43
C CYS A 182 21.53 18.23 6.93
N ARG A 183 22.60 18.09 6.17
CA ARG A 183 22.56 18.18 4.71
C ARG A 183 22.16 16.80 4.22
N VAL A 184 21.44 16.74 3.10
CA VAL A 184 20.98 15.46 2.57
C VAL A 184 21.34 15.33 1.10
N GLU A 185 21.69 14.11 0.69
CA GLU A 185 22.07 13.82 -0.69
C GLU A 185 21.46 12.47 -1.03
N SER A 186 20.62 12.42 -2.05
CA SER A 186 19.97 11.19 -2.45
C SER A 186 20.63 10.67 -3.72
N ILE A 187 21.12 9.44 -3.67
CA ILE A 187 21.78 8.83 -4.81
C ILE A 187 21.04 7.55 -5.21
N TYR A 188 20.22 7.64 -6.25
CA TYR A 188 19.47 6.47 -6.71
C TYR A 188 20.38 5.60 -7.57
N LEU A 189 20.41 4.31 -7.28
CA LEU A 189 21.22 3.37 -8.03
C LEU A 189 20.32 2.51 -8.92
N ASN A 190 20.16 2.96 -10.16
CA ASN A 190 19.31 2.30 -11.16
C ASN A 190 19.84 0.97 -11.67
N VAL A 191 19.17 -0.11 -11.30
CA VAL A 191 19.51 -1.48 -11.70
C VAL A 191 18.22 -2.28 -11.84
N MET B 1 -37.96 -2.22 1.71
CA MET B 1 -37.54 -1.18 0.74
C MET B 1 -36.47 -1.75 -0.19
N ARG B 2 -36.13 -1.00 -1.23
CA ARG B 2 -35.11 -1.46 -2.16
C ARG B 2 -33.71 -1.28 -1.56
N SER B 3 -32.77 -2.07 -2.04
CA SER B 3 -31.40 -1.98 -1.55
C SER B 3 -30.46 -1.97 -2.72
N ILE B 4 -29.33 -1.32 -2.52
CA ILE B 4 -28.28 -1.24 -3.52
C ILE B 4 -27.15 -2.04 -2.88
N TYR B 5 -26.68 -3.06 -3.56
CA TYR B 5 -25.60 -3.89 -3.06
C TYR B 5 -24.29 -3.52 -3.75
N LEU B 6 -23.33 -2.98 -3.00
CA LEU B 6 -22.05 -2.63 -3.59
C LEU B 6 -21.02 -3.68 -3.19
N CYS B 7 -20.22 -4.10 -4.16
CA CYS B 7 -19.17 -5.07 -3.92
C CYS B 7 -18.17 -4.97 -5.07
N ARG B 8 -16.93 -5.36 -4.79
CA ARG B 8 -15.88 -5.34 -5.79
C ARG B 8 -15.93 -6.66 -6.52
N HIS B 9 -15.24 -6.70 -7.64
CA HIS B 9 -15.12 -7.91 -8.45
C HIS B 9 -14.45 -8.95 -7.56
N GLY B 10 -14.50 -10.21 -7.96
CA GLY B 10 -13.84 -11.24 -7.18
C GLY B 10 -12.33 -11.00 -7.30
N GLU B 11 -11.57 -11.45 -6.32
CA GLU B 11 -10.11 -11.27 -6.30
C GLU B 11 -9.47 -11.49 -7.66
N SER B 12 -8.70 -10.51 -8.14
CA SER B 12 -8.04 -10.65 -9.44
C SER B 12 -6.59 -11.11 -9.36
N GLU B 13 -6.06 -11.49 -10.52
CA GLU B 13 -4.68 -11.94 -10.64
C GLU B 13 -3.74 -10.85 -10.16
N LEU B 14 -3.95 -9.62 -10.60
CA LEU B 14 -3.09 -8.53 -10.17
C LEU B 14 -3.23 -8.26 -8.68
N ASN B 15 -4.43 -8.48 -8.14
CA ASN B 15 -4.64 -8.27 -6.71
C ASN B 15 -3.70 -9.18 -5.96
N LEU B 16 -3.72 -10.44 -6.42
CA LEU B 16 -2.92 -11.50 -5.88
C LEU B 16 -1.43 -11.19 -5.96
N ARG B 17 -1.04 -10.44 -6.98
CA ARG B 17 0.36 -10.06 -7.18
C ARG B 17 0.72 -8.70 -6.62
N GLY B 18 -0.09 -8.22 -5.68
CA GLY B 18 0.15 -6.93 -5.04
C GLY B 18 0.22 -5.72 -5.95
N ARG B 19 -0.24 -5.88 -7.19
CA ARG B 19 -0.22 -4.79 -8.15
C ARG B 19 -1.57 -4.09 -8.27
N ILE B 20 -1.54 -2.82 -8.66
CA ILE B 20 -2.74 -2.02 -8.79
C ILE B 20 -3.25 -1.82 -10.22
N GLY B 21 -4.55 -1.55 -10.33
CA GLY B 21 -5.15 -1.29 -11.62
C GLY B 21 -5.13 -2.46 -12.59
N GLY B 22 -4.89 -2.13 -13.85
CA GLY B 22 -4.82 -3.14 -14.89
C GLY B 22 -6.19 -3.64 -15.31
N ASP B 23 -6.18 -4.75 -16.03
CA ASP B 23 -7.39 -5.37 -16.51
C ASP B 23 -7.14 -6.87 -16.56
N SER B 24 -6.92 -7.45 -15.37
CA SER B 24 -6.67 -8.88 -15.27
C SER B 24 -7.96 -9.66 -15.01
N GLY B 25 -7.85 -10.99 -14.96
CA GLY B 25 -9.01 -11.83 -14.73
C GLY B 25 -9.12 -12.18 -13.27
N LEU B 26 -10.08 -13.04 -12.94
CA LEU B 26 -10.28 -13.47 -11.57
C LEU B 26 -9.35 -14.61 -11.20
N SER B 27 -8.89 -14.61 -9.96
CA SER B 27 -8.01 -15.67 -9.49
C SER B 27 -8.88 -16.90 -9.25
N ALA B 28 -8.29 -18.02 -8.86
CA ALA B 28 -9.06 -19.23 -8.59
C ALA B 28 -10.12 -18.93 -7.53
N ARG B 29 -9.71 -18.37 -6.40
CA ARG B 29 -10.67 -18.07 -5.36
C ARG B 29 -11.51 -16.84 -5.72
N GLY B 30 -11.08 -16.13 -6.76
CA GLY B 30 -11.81 -14.96 -7.22
C GLY B 30 -13.12 -15.40 -7.86
N LYS B 31 -13.07 -16.54 -8.55
CA LYS B 31 -14.25 -17.11 -9.19
C LYS B 31 -15.14 -17.75 -8.11
N GLN B 32 -14.52 -18.35 -7.10
CA GLN B 32 -15.28 -18.96 -6.01
C GLN B 32 -16.18 -17.89 -5.42
N TYR B 33 -15.68 -16.65 -5.34
CA TYR B 33 -16.46 -15.56 -4.79
C TYR B 33 -17.65 -15.23 -5.66
N ALA B 34 -17.42 -15.18 -6.97
CA ALA B 34 -18.49 -14.87 -7.91
C ALA B 34 -19.69 -15.79 -7.62
N TYR B 35 -19.42 -17.08 -7.47
CA TYR B 35 -20.46 -18.05 -7.19
C TYR B 35 -21.10 -17.85 -5.84
N ALA B 36 -20.30 -17.49 -4.84
CA ALA B 36 -20.79 -17.25 -3.49
C ALA B 36 -21.68 -16.01 -3.49
N LEU B 37 -21.36 -15.06 -4.37
CA LEU B 37 -22.13 -13.83 -4.50
C LEU B 37 -23.49 -14.21 -5.08
N ALA B 38 -23.46 -15.06 -6.11
CA ALA B 38 -24.69 -15.52 -6.77
C ALA B 38 -25.63 -16.09 -5.73
N ASN B 39 -25.11 -16.96 -4.86
CA ASN B 39 -25.93 -17.57 -3.82
C ASN B 39 -26.42 -16.52 -2.84
N PHE B 40 -25.59 -15.53 -2.52
CA PHE B 40 -26.01 -14.50 -1.57
C PHE B 40 -27.21 -13.73 -2.13
N ILE B 41 -27.06 -13.27 -3.37
CA ILE B 41 -28.10 -12.52 -4.06
C ILE B 41 -29.38 -13.37 -4.08
N ARG B 42 -29.23 -14.66 -4.38
CA ARG B 42 -30.34 -15.59 -4.41
C ARG B 42 -31.03 -15.64 -3.04
N SER B 43 -30.24 -15.76 -1.97
CA SER B 43 -30.78 -15.85 -0.61
C SER B 43 -31.54 -14.61 -0.19
N GLN B 44 -31.32 -13.50 -0.90
CA GLN B 44 -31.99 -12.25 -0.58
C GLN B 44 -33.46 -12.25 -1.02
N GLY B 45 -33.81 -13.19 -1.91
CA GLY B 45 -35.19 -13.30 -2.39
C GLY B 45 -35.69 -12.06 -3.08
N ILE B 46 -34.95 -11.60 -4.07
CA ILE B 46 -35.30 -10.41 -4.84
C ILE B 46 -36.02 -10.86 -6.12
N SER B 47 -37.04 -10.11 -6.51
CA SER B 47 -37.81 -10.42 -7.71
C SER B 47 -37.26 -9.76 -8.97
N SER B 48 -36.77 -8.54 -8.82
CA SER B 48 -36.19 -7.80 -9.93
C SER B 48 -34.95 -7.07 -9.45
N LEU B 49 -33.82 -7.34 -10.10
CA LEU B 49 -32.56 -6.72 -9.73
C LEU B 49 -31.80 -6.24 -10.96
N LYS B 50 -31.21 -5.07 -10.85
CA LYS B 50 -30.42 -4.53 -11.95
C LYS B 50 -28.97 -4.69 -11.57
N VAL B 51 -28.23 -5.45 -12.36
CA VAL B 51 -26.81 -5.68 -12.09
C VAL B 51 -25.93 -4.81 -12.99
N TRP B 52 -25.07 -4.00 -12.38
CA TRP B 52 -24.17 -3.13 -13.12
C TRP B 52 -22.73 -3.54 -12.87
N THR B 53 -21.93 -3.45 -13.92
CA THR B 53 -20.51 -3.77 -13.84
C THR B 53 -19.77 -2.65 -14.57
N SER B 54 -18.46 -2.83 -14.74
CA SER B 54 -17.65 -1.85 -15.45
C SER B 54 -17.22 -2.54 -16.73
N HIS B 55 -16.28 -1.96 -17.45
CA HIS B 55 -15.80 -2.57 -18.69
C HIS B 55 -14.63 -3.52 -18.42
N MET B 56 -14.23 -3.62 -17.15
CA MET B 56 -13.12 -4.48 -16.73
C MET B 56 -13.50 -5.95 -16.65
N LYS B 57 -12.65 -6.80 -17.19
CA LYS B 57 -12.86 -8.25 -17.19
C LYS B 57 -13.23 -8.80 -15.81
N ARG B 58 -12.59 -8.27 -14.79
CA ARG B 58 -12.82 -8.74 -13.43
C ARG B 58 -14.23 -8.52 -12.89
N THR B 59 -14.89 -7.44 -13.28
CA THR B 59 -16.27 -7.21 -12.81
C THR B 59 -17.21 -8.07 -13.64
N ILE B 60 -16.97 -8.09 -14.94
CA ILE B 60 -17.78 -8.86 -15.87
C ILE B 60 -17.78 -10.33 -15.48
N GLN B 61 -16.59 -10.90 -15.31
CA GLN B 61 -16.45 -12.31 -14.95
C GLN B 61 -17.19 -12.62 -13.66
N THR B 62 -17.22 -11.66 -12.75
CA THR B 62 -17.93 -11.85 -11.49
C THR B 62 -19.42 -11.95 -11.80
N ALA B 63 -19.90 -11.05 -12.66
CA ALA B 63 -21.30 -11.04 -13.05
C ALA B 63 -21.69 -12.33 -13.74
N GLU B 64 -20.83 -12.86 -14.59
CA GLU B 64 -21.10 -14.10 -15.30
C GLU B 64 -21.61 -15.23 -14.42
N ALA B 65 -21.22 -15.24 -13.15
CA ALA B 65 -21.65 -16.28 -12.24
C ALA B 65 -23.11 -16.13 -11.86
N LEU B 66 -23.59 -14.89 -11.84
CA LEU B 66 -24.98 -14.63 -11.47
C LEU B 66 -25.99 -15.28 -12.42
N GLY B 67 -25.58 -15.59 -13.63
CA GLY B 67 -26.48 -16.20 -14.60
C GLY B 67 -27.52 -15.25 -15.18
N VAL B 68 -27.56 -14.02 -14.68
CA VAL B 68 -28.52 -13.03 -15.16
C VAL B 68 -27.87 -11.92 -16.00
N PRO B 69 -28.67 -11.20 -16.81
CA PRO B 69 -28.07 -10.13 -17.62
C PRO B 69 -27.56 -8.99 -16.72
N TYR B 70 -26.56 -8.28 -17.21
CA TYR B 70 -25.97 -7.17 -16.48
C TYR B 70 -25.64 -6.07 -17.48
N GLU B 71 -25.55 -4.82 -17.02
CA GLU B 71 -25.23 -3.68 -17.87
C GLU B 71 -23.79 -3.20 -17.60
N GLN B 72 -23.05 -2.94 -18.66
CA GLN B 72 -21.67 -2.46 -18.52
C GLN B 72 -21.54 -0.95 -18.61
N TRP B 73 -21.17 -0.32 -17.49
CA TRP B 73 -20.98 1.12 -17.44
C TRP B 73 -19.48 1.45 -17.44
N LYS B 74 -19.09 2.37 -18.30
CA LYS B 74 -17.69 2.79 -18.37
C LYS B 74 -17.34 3.62 -17.14
N ALA B 75 -18.33 4.35 -16.62
CA ALA B 75 -18.12 5.19 -15.45
C ALA B 75 -17.82 4.38 -14.19
N LEU B 76 -18.05 3.07 -14.27
CA LEU B 76 -17.78 2.18 -13.14
C LEU B 76 -16.37 1.61 -13.23
N ASN B 77 -15.60 2.06 -14.23
CA ASN B 77 -14.23 1.62 -14.42
C ASN B 77 -13.38 2.15 -13.26
N GLU B 78 -12.37 1.39 -12.86
CA GLU B 78 -11.52 1.79 -11.74
C GLU B 78 -10.71 3.03 -12.03
N ILE B 79 -10.29 3.69 -10.97
CA ILE B 79 -9.50 4.90 -11.05
C ILE B 79 -8.23 4.59 -11.85
N ASP B 80 -7.87 5.51 -12.73
CA ASP B 80 -6.70 5.33 -13.58
C ASP B 80 -5.47 5.84 -12.82
N ALA B 81 -4.54 4.93 -12.53
CA ALA B 81 -3.32 5.26 -11.81
C ALA B 81 -2.26 5.85 -12.75
N GLY B 82 -2.60 6.03 -14.02
CA GLY B 82 -1.68 6.61 -14.97
C GLY B 82 -0.43 5.77 -15.21
N VAL B 83 0.73 6.42 -15.13
CA VAL B 83 2.00 5.72 -15.34
C VAL B 83 2.23 4.63 -14.31
N CYS B 84 1.58 4.77 -13.15
CA CYS B 84 1.70 3.80 -12.05
C CYS B 84 0.77 2.60 -12.14
N GLU B 85 0.07 2.45 -13.27
CA GLU B 85 -0.83 1.33 -13.47
C GLU B 85 -0.05 0.01 -13.46
N GLU B 86 -0.61 -1.02 -12.85
CA GLU B 86 0.00 -2.34 -12.78
C GLU B 86 1.30 -2.48 -11.96
N MET B 87 1.58 -1.49 -11.13
CA MET B 87 2.79 -1.49 -10.30
C MET B 87 2.47 -1.80 -8.85
N THR B 88 3.49 -2.17 -8.08
CA THR B 88 3.34 -2.47 -6.66
C THR B 88 3.63 -1.15 -5.96
N TYR B 89 3.34 -1.06 -4.67
CA TYR B 89 3.62 0.19 -3.97
C TYR B 89 5.11 0.49 -3.89
N GLU B 90 5.91 -0.53 -3.66
CA GLU B 90 7.37 -0.35 -3.60
C GLU B 90 7.86 0.15 -4.95
N GLU B 91 7.38 -0.48 -6.01
CA GLU B 91 7.75 -0.11 -7.37
C GLU B 91 7.41 1.37 -7.64
N ILE B 92 6.32 1.84 -7.06
CA ILE B 92 5.88 3.22 -7.21
C ILE B 92 6.83 4.11 -6.41
N GLN B 93 7.07 3.71 -5.14
CA GLN B 93 7.95 4.47 -4.26
C GLN B 93 9.36 4.69 -4.81
N GLU B 94 9.92 3.64 -5.41
CA GLU B 94 11.27 3.70 -5.97
C GLU B 94 11.37 4.59 -7.20
N HIS B 95 10.53 4.33 -8.20
CA HIS B 95 10.59 5.07 -9.44
C HIS B 95 9.79 6.37 -9.52
N TYR B 96 8.92 6.59 -8.54
CA TYR B 96 8.08 7.79 -8.48
C TYR B 96 7.95 8.21 -7.02
N PRO B 97 9.08 8.46 -6.35
CA PRO B 97 9.02 8.86 -4.94
C PRO B 97 8.41 10.25 -4.74
N GLU B 98 8.53 11.10 -5.75
CA GLU B 98 8.01 12.46 -5.65
C GLU B 98 6.48 12.42 -5.70
N GLU B 99 5.96 11.77 -6.72
CA GLU B 99 4.53 11.62 -6.94
C GLU B 99 3.85 10.94 -5.74
N PHE B 100 4.38 9.78 -5.35
CA PHE B 100 3.86 9.01 -4.23
C PHE B 100 3.69 9.86 -2.97
N ALA B 101 4.71 10.65 -2.65
CA ALA B 101 4.68 11.51 -1.49
C ALA B 101 3.68 12.65 -1.64
N LEU B 102 3.50 13.12 -2.88
CA LEU B 102 2.55 14.20 -3.17
C LEU B 102 1.13 13.69 -3.00
N ARG B 103 0.91 12.42 -3.34
CA ARG B 103 -0.40 11.83 -3.21
C ARG B 103 -0.82 11.79 -1.74
N ASP B 104 0.12 11.43 -0.86
CA ASP B 104 -0.19 11.36 0.56
C ASP B 104 -0.59 12.67 1.23
N GLN B 105 -0.25 13.81 0.63
CA GLN B 105 -0.63 15.08 1.22
C GLN B 105 -2.05 15.47 0.86
N ASP B 106 -2.51 15.07 -0.32
CA ASP B 106 -3.88 15.35 -0.79
C ASP B 106 -4.30 14.19 -1.70
N LYS B 107 -4.62 13.07 -1.07
CA LYS B 107 -5.02 11.87 -1.78
C LYS B 107 -6.32 12.04 -2.56
N TYR B 108 -7.12 13.04 -2.22
CA TYR B 108 -8.38 13.28 -2.92
C TYR B 108 -8.16 13.98 -4.27
N ARG B 109 -7.30 15.00 -4.28
CA ARG B 109 -7.06 15.75 -5.51
C ARG B 109 -5.82 15.40 -6.32
N TYR B 110 -4.97 14.51 -5.80
CA TYR B 110 -3.76 14.16 -6.54
C TYR B 110 -3.93 13.18 -7.69
N ARG B 111 -3.29 13.49 -8.81
CA ARG B 111 -3.35 12.65 -10.00
C ARG B 111 -1.93 12.18 -10.30
N TYR B 112 -1.75 10.87 -10.52
CA TYR B 112 -0.44 10.36 -10.89
C TYR B 112 -0.27 10.83 -12.33
N PRO B 113 0.96 10.92 -12.84
CA PRO B 113 1.12 11.36 -14.23
C PRO B 113 0.22 10.54 -15.16
N LYS B 114 -0.60 11.25 -15.93
CA LYS B 114 -1.54 10.63 -16.88
C LYS B 114 -2.64 9.84 -16.15
N GLY B 115 -3.01 10.28 -14.95
CA GLY B 115 -4.02 9.57 -14.19
C GLY B 115 -5.11 10.43 -13.58
N GLU B 116 -6.14 9.77 -13.05
CA GLU B 116 -7.27 10.46 -12.43
C GLU B 116 -7.07 10.56 -10.92
N SER B 117 -7.75 11.52 -10.31
CA SER B 117 -7.67 11.70 -8.88
C SER B 117 -8.97 11.08 -8.34
N TYR B 118 -9.17 11.12 -7.02
CA TYR B 118 -10.40 10.59 -6.44
C TYR B 118 -11.53 11.55 -6.82
N GLU B 119 -11.21 12.83 -6.79
CA GLU B 119 -12.15 13.88 -7.13
C GLU B 119 -12.66 13.67 -8.56
N ASP B 120 -11.75 13.31 -9.47
CA ASP B 120 -12.12 13.06 -10.87
C ASP B 120 -13.16 11.94 -10.92
N LEU B 121 -12.85 10.83 -10.25
CA LEU B 121 -13.71 9.66 -10.20
C LEU B 121 -15.13 10.00 -9.71
N VAL B 122 -15.21 10.86 -8.70
CA VAL B 122 -16.49 11.28 -8.15
C VAL B 122 -17.37 11.93 -9.23
N GLN B 123 -16.83 12.96 -9.89
CA GLN B 123 -17.56 13.67 -10.93
C GLN B 123 -18.02 12.68 -12.00
N ARG B 124 -17.13 11.77 -12.36
CA ARG B 124 -17.39 10.76 -13.36
C ARG B 124 -18.55 9.83 -12.95
N LEU B 125 -18.74 9.66 -11.64
CA LEU B 125 -19.79 8.80 -11.13
C LEU B 125 -21.15 9.46 -10.95
N GLU B 126 -21.22 10.79 -11.10
CA GLU B 126 -22.50 11.51 -10.95
C GLU B 126 -23.65 10.82 -11.68
N PRO B 127 -23.51 10.57 -13.00
CA PRO B 127 -24.61 9.92 -13.72
C PRO B 127 -25.03 8.57 -13.14
N VAL B 128 -24.07 7.83 -12.59
CA VAL B 128 -24.33 6.52 -11.99
C VAL B 128 -25.10 6.68 -10.69
N ILE B 129 -24.74 7.68 -9.90
CA ILE B 129 -25.41 7.93 -8.64
C ILE B 129 -26.84 8.42 -8.92
N MET B 130 -26.98 9.24 -9.96
CA MET B 130 -28.28 9.78 -10.34
C MET B 130 -29.22 8.67 -10.73
N GLU B 131 -28.75 7.76 -11.56
CA GLU B 131 -29.57 6.65 -12.01
C GLU B 131 -29.89 5.75 -10.83
N LEU B 132 -28.89 5.53 -9.99
CA LEU B 132 -29.03 4.69 -8.81
C LEU B 132 -30.12 5.21 -7.87
N GLU B 133 -30.19 6.53 -7.72
CA GLU B 133 -31.16 7.18 -6.86
C GLU B 133 -32.60 7.03 -7.37
N ARG B 134 -32.76 6.79 -8.68
CA ARG B 134 -34.09 6.64 -9.28
C ARG B 134 -34.40 5.20 -9.71
N GLN B 135 -33.73 4.23 -9.08
CA GLN B 135 -33.94 2.82 -9.40
C GLN B 135 -34.38 2.08 -8.15
N GLU B 136 -34.61 0.78 -8.30
CA GLU B 136 -35.01 -0.07 -7.18
C GLU B 136 -33.79 -0.88 -6.73
N ASN B 137 -33.92 -2.20 -6.67
CA ASN B 137 -32.82 -3.06 -6.26
C ASN B 137 -31.75 -3.11 -7.34
N VAL B 138 -30.55 -2.68 -6.97
CA VAL B 138 -29.42 -2.67 -7.91
C VAL B 138 -28.17 -3.23 -7.25
N LEU B 139 -27.40 -4.01 -8.01
CA LEU B 139 -26.14 -4.58 -7.54
C LEU B 139 -25.02 -3.96 -8.38
N VAL B 140 -24.09 -3.29 -7.72
CA VAL B 140 -22.98 -2.65 -8.43
C VAL B 140 -21.66 -3.39 -8.18
N ILE B 141 -21.25 -4.24 -9.13
CA ILE B 141 -20.01 -4.99 -9.03
C ILE B 141 -18.94 -4.08 -9.63
N CYS B 142 -18.21 -3.36 -8.79
CA CYS B 142 -17.20 -2.43 -9.26
C CYS B 142 -15.77 -2.61 -8.73
N HIS B 143 -15.15 -1.51 -8.31
CA HIS B 143 -13.77 -1.51 -7.83
C HIS B 143 -13.63 -0.74 -6.54
N GLN B 144 -12.50 -0.88 -5.88
CA GLN B 144 -12.24 -0.22 -4.62
C GLN B 144 -12.43 1.30 -4.62
N ALA B 145 -11.76 1.98 -5.53
CA ALA B 145 -11.88 3.43 -5.58
C ALA B 145 -13.30 3.87 -5.90
N VAL B 146 -13.90 3.25 -6.93
CA VAL B 146 -15.27 3.54 -7.37
C VAL B 146 -16.25 3.28 -6.21
N MET B 147 -16.13 2.09 -5.63
CA MET B 147 -16.97 1.68 -4.50
C MET B 147 -16.86 2.68 -3.36
N ARG B 148 -15.65 3.20 -3.11
CA ARG B 148 -15.43 4.17 -2.05
C ARG B 148 -16.18 5.47 -2.31
N CYS B 149 -16.20 5.91 -3.57
CA CYS B 149 -16.89 7.14 -3.93
C CYS B 149 -18.41 6.99 -3.79
N LEU B 150 -18.96 5.86 -4.23
CA LEU B 150 -20.40 5.64 -4.10
C LEU B 150 -20.74 5.53 -2.62
N LEU B 151 -19.95 4.76 -1.91
CA LEU B 151 -20.11 4.52 -0.48
C LEU B 151 -20.01 5.80 0.33
N ALA B 152 -19.19 6.74 -0.13
CA ALA B 152 -19.03 8.00 0.56
C ALA B 152 -20.29 8.85 0.39
N TYR B 153 -20.88 8.79 -0.80
CA TYR B 153 -22.08 9.56 -1.11
C TYR B 153 -23.25 9.12 -0.24
N PHE B 154 -23.56 7.83 -0.28
CA PHE B 154 -24.65 7.28 0.50
C PHE B 154 -24.50 7.36 2.01
N LEU B 155 -23.28 7.54 2.50
CA LEU B 155 -23.08 7.62 3.94
C LEU B 155 -22.61 8.98 4.44
N ASP B 156 -22.76 10.00 3.59
CA ASP B 156 -22.36 11.37 3.90
C ASP B 156 -20.96 11.44 4.49
N LYS B 157 -19.99 11.08 3.66
CA LYS B 157 -18.59 11.09 4.07
C LYS B 157 -17.91 12.25 3.36
N SER B 158 -17.02 12.94 4.05
CA SER B 158 -16.28 14.06 3.46
C SER B 158 -15.22 13.52 2.50
N SER B 159 -14.81 14.37 1.56
CA SER B 159 -13.78 14.01 0.59
C SER B 159 -12.52 13.52 1.29
N ASP B 160 -12.28 14.06 2.48
CA ASP B 160 -11.12 13.71 3.27
C ASP B 160 -11.22 12.28 3.82
N GLU B 161 -12.43 11.84 4.17
CA GLU B 161 -12.65 10.48 4.68
C GLU B 161 -12.68 9.47 3.54
N LEU B 162 -13.31 9.87 2.44
CA LEU B 162 -13.51 9.03 1.25
C LEU B 162 -12.39 8.06 0.82
N PRO B 163 -11.20 8.57 0.48
CA PRO B 163 -10.09 7.73 0.05
C PRO B 163 -9.60 6.67 1.03
N TYR B 164 -10.04 6.77 2.28
CA TYR B 164 -9.63 5.83 3.31
C TYR B 164 -10.77 4.91 3.73
N LEU B 165 -11.93 5.06 3.11
CA LEU B 165 -13.07 4.22 3.44
C LEU B 165 -12.77 2.73 3.27
N LYS B 166 -13.22 1.96 4.25
CA LYS B 166 -13.02 0.53 4.27
C LYS B 166 -13.76 -0.15 3.11
N CYS B 167 -13.01 -0.77 2.20
CA CYS B 167 -13.61 -1.47 1.05
C CYS B 167 -12.86 -2.73 0.65
N PRO B 168 -12.81 -3.74 1.53
CA PRO B 168 -12.14 -5.02 1.31
C PRO B 168 -12.79 -5.85 0.20
N LEU B 169 -12.06 -6.83 -0.31
CA LEU B 169 -12.57 -7.69 -1.36
C LEU B 169 -13.54 -8.68 -0.71
N HIS B 170 -14.32 -9.36 -1.54
CA HIS B 170 -15.26 -10.38 -1.07
C HIS B 170 -16.18 -9.95 0.07
N THR B 171 -16.57 -8.69 0.08
CA THR B 171 -17.42 -8.15 1.11
C THR B 171 -18.50 -7.30 0.46
N VAL B 172 -19.74 -7.71 0.66
CA VAL B 172 -20.91 -7.04 0.09
C VAL B 172 -21.51 -6.03 1.05
N LEU B 173 -21.73 -4.82 0.57
CA LEU B 173 -22.34 -3.78 1.39
C LEU B 173 -23.77 -3.54 0.91
N LYS B 174 -24.71 -3.92 1.74
CA LYS B 174 -26.13 -3.76 1.47
C LYS B 174 -26.57 -2.39 1.96
N LEU B 175 -26.81 -1.48 1.01
CA LEU B 175 -27.23 -0.13 1.34
C LEU B 175 -28.74 -0.01 1.16
N THR B 176 -29.42 0.58 2.13
CA THR B 176 -30.86 0.75 2.01
C THR B 176 -31.13 2.24 2.20
N PRO B 177 -31.24 2.98 1.08
CA PRO B 177 -31.49 4.41 1.22
C PRO B 177 -32.90 4.71 1.69
N VAL B 178 -33.03 5.68 2.59
CA VAL B 178 -34.32 6.05 3.15
C VAL B 178 -34.55 7.57 3.06
N ALA B 179 -35.49 8.10 3.82
CA ALA B 179 -35.78 9.54 3.78
C ALA B 179 -34.50 10.35 3.78
N TYR B 180 -33.68 10.13 4.78
CA TYR B 180 -32.40 10.81 4.89
C TYR B 180 -31.41 9.76 5.37
N GLY B 181 -30.22 9.77 4.81
CA GLY B 181 -29.24 8.79 5.21
C GLY B 181 -29.52 7.47 4.52
N CYS B 182 -28.74 6.45 4.87
CA CYS B 182 -28.88 5.15 4.26
C CYS B 182 -28.39 4.08 5.23
N ARG B 183 -29.15 2.99 5.35
CA ARG B 183 -28.77 1.91 6.24
C ARG B 183 -27.65 1.15 5.56
N VAL B 184 -26.75 0.58 6.34
CA VAL B 184 -25.62 -0.17 5.79
C VAL B 184 -25.52 -1.51 6.49
N GLU B 185 -25.05 -2.51 5.75
CA GLU B 185 -24.88 -3.85 6.28
C GLU B 185 -23.73 -4.45 5.49
N SER B 186 -22.70 -4.93 6.20
CA SER B 186 -21.53 -5.53 5.58
C SER B 186 -21.63 -7.04 5.65
N ILE B 187 -21.51 -7.71 4.51
CA ILE B 187 -21.58 -9.17 4.52
C ILE B 187 -20.33 -9.71 3.85
N TYR B 188 -19.50 -10.40 4.63
CA TYR B 188 -18.26 -10.97 4.10
C TYR B 188 -18.51 -12.38 3.58
N LEU B 189 -18.13 -12.62 2.34
CA LEU B 189 -18.30 -13.92 1.70
C LEU B 189 -16.97 -14.68 1.73
N ASN B 190 -16.75 -15.41 2.82
CA ASN B 190 -15.54 -16.17 3.04
C ASN B 190 -15.32 -17.30 2.03
N VAL B 191 -14.30 -17.15 1.19
CA VAL B 191 -13.93 -18.14 0.19
C VAL B 191 -12.42 -18.08 -0.04
P PO4 C . 11.60 -3.61 4.07
O1 PO4 C . 12.41 -2.36 3.90
O2 PO4 C . 10.28 -3.22 4.67
O3 PO4 C . 12.30 -4.58 4.99
O4 PO4 C . 11.36 -4.28 2.76
O1 G3H D . 7.17 -2.84 6.01
C1 G3H D . 6.56 -1.62 5.70
C2 G3H D . 6.82 -0.64 6.81
O2 G3H D . 7.61 0.39 6.27
C3 G3H D . 5.49 0.03 7.32
O1P G3H D . 5.29 1.38 6.81
O2P G3H D . 3.20 2.51 5.66
O3P G3H D . 5.30 2.34 4.35
O4P G3H D . 3.95 0.31 4.84
P G3H D . 4.42 1.64 5.39
P PO4 E . -9.72 -3.03 -7.78
O1 PO4 E . -9.15 -1.69 -7.48
O2 PO4 E . -9.97 -3.14 -9.24
O3 PO4 E . -11.00 -3.19 -6.99
O4 PO4 E . -8.76 -4.10 -7.36
O1 G3H F . -6.54 0.64 -6.92
C1 G3H F . -6.33 1.12 -5.61
C2 G3H F . -7.26 2.29 -5.37
O2 G3H F . -8.26 1.83 -4.50
C3 G3H F . -6.51 3.46 -4.65
O1P G3H F . -6.77 3.50 -3.20
O2P G3H F . -5.19 3.99 -1.14
O3P G3H F . -6.30 1.79 -1.25
O4P G3H F . -4.46 2.33 -2.82
P G3H F . -5.67 2.89 -2.09
#